data_3FHU
#
_entry.id   3FHU
#
_cell.length_a   77.880
_cell.length_b   114.530
_cell.length_c   31.750
_cell.angle_alpha   90.00
_cell.angle_beta   90.00
_cell.angle_gamma   90.00
#
_symmetry.space_group_name_H-M   'P 21 21 2'
#
loop_
_entity.id
_entity.type
_entity.pdbx_description
1 polymer Prepilin
2 water water
#
_entity_poly.entity_id   1
_entity_poly.type   'polypeptide(L)'
_entity_poly.pdbx_seq_one_letter_code
;MWGKKDAGTELTNYQTLATNTIGMMKGVDGYAFTSGAKMTDTLIQAGAAKGMTVSGDPASGSATLWNSWGGQIVVAPDTA
GGTGFNNGFTITTNKVPQSACVSISTGMSRSGGTSGIKINGNNHTDAKVTAEIASSECTADNGRTGTNTLVFNYNG
;
_entity_poly.pdbx_strand_id   A,B
#
# COMPACT_ATOMS: atom_id res chain seq x y z
N ALA A 7 15.82 3.35 -7.41
CA ALA A 7 14.47 3.95 -7.55
C ALA A 7 13.33 2.95 -7.33
N GLY A 8 13.64 1.84 -6.66
CA GLY A 8 12.64 0.82 -6.38
C GLY A 8 11.53 1.34 -5.46
N THR A 9 11.92 2.01 -4.39
CA THR A 9 10.96 2.57 -3.43
C THR A 9 10.02 3.53 -4.14
N GLU A 10 10.59 4.39 -4.98
CA GLU A 10 9.81 5.36 -5.72
C GLU A 10 8.82 4.66 -6.63
N LEU A 11 9.26 3.65 -7.37
CA LEU A 11 8.35 2.95 -8.28
C LEU A 11 7.15 2.40 -7.52
N THR A 12 7.42 1.75 -6.40
CA THR A 12 6.38 1.18 -5.58
C THR A 12 5.44 2.25 -5.02
N ASN A 13 5.98 3.41 -4.68
CA ASN A 13 5.13 4.48 -4.17
C ASN A 13 4.12 4.94 -5.22
N TYR A 14 4.60 5.14 -6.45
CA TYR A 14 3.70 5.59 -7.50
C TYR A 14 2.66 4.53 -7.84
N GLN A 15 3.09 3.27 -7.87
CA GLN A 15 2.17 2.18 -8.19
C GLN A 15 1.07 1.99 -7.14
N THR A 16 1.43 1.98 -5.87
CA THR A 16 0.44 1.82 -4.82
C THR A 16 -0.42 3.08 -4.73
N LEU A 17 0.20 4.24 -4.94
CA LEU A 17 -0.56 5.49 -4.88
C LEU A 17 -1.63 5.41 -5.95
N ALA A 18 -1.25 4.91 -7.12
CA ALA A 18 -2.20 4.76 -8.22
C ALA A 18 -3.30 3.78 -7.82
N THR A 19 -2.89 2.62 -7.28
CA THR A 19 -3.87 1.62 -6.84
C THR A 19 -4.85 2.23 -5.86
N ASN A 20 -4.33 2.90 -4.83
CA ASN A 20 -5.16 3.53 -3.81
C ASN A 20 -6.11 4.56 -4.44
N THR A 21 -5.60 5.36 -5.37
CA THR A 21 -6.44 6.35 -6.01
C THR A 21 -7.54 5.68 -6.81
N ILE A 22 -7.19 4.69 -7.62
CA ILE A 22 -8.18 3.97 -8.41
C ILE A 22 -9.23 3.38 -7.48
N GLY A 23 -8.79 2.90 -6.32
CA GLY A 23 -9.73 2.32 -5.37
C GLY A 23 -10.66 3.37 -4.80
N MET A 24 -10.11 4.54 -4.51
CA MET A 24 -10.92 5.63 -3.96
C MET A 24 -11.96 6.11 -4.96
N MET A 25 -11.54 6.27 -6.21
CA MET A 25 -12.43 6.75 -7.26
C MET A 25 -13.55 5.80 -7.68
N LYS A 26 -13.39 4.51 -7.38
CA LYS A 26 -14.42 3.56 -7.75
C LYS A 26 -15.69 3.80 -6.93
N GLY A 27 -15.52 4.48 -5.80
CA GLY A 27 -16.68 4.75 -4.96
C GLY A 27 -17.28 6.14 -5.11
N VAL A 28 -16.64 7.01 -5.88
CA VAL A 28 -17.15 8.36 -6.05
C VAL A 28 -18.10 8.42 -7.23
N ASP A 29 -19.23 9.11 -7.03
CA ASP A 29 -20.22 9.28 -8.07
C ASP A 29 -20.99 10.57 -7.84
N GLY A 30 -21.32 11.26 -8.91
CA GLY A 30 -22.05 12.50 -8.77
C GLY A 30 -21.12 13.70 -8.63
N TYR A 31 -19.85 13.43 -8.36
CA TYR A 31 -18.88 14.50 -8.24
C TYR A 31 -17.49 14.13 -8.74
N ALA A 32 -16.68 15.15 -8.99
CA ALA A 32 -15.33 14.92 -9.46
C ALA A 32 -14.46 16.00 -8.88
N PHE A 33 -13.16 15.73 -8.84
CA PHE A 33 -12.21 16.69 -8.35
C PHE A 33 -11.97 17.65 -9.53
N THR A 34 -11.69 18.91 -9.22
CA THR A 34 -11.45 19.91 -10.24
C THR A 34 -10.03 20.43 -10.11
N SER A 35 -9.35 20.01 -9.04
CA SER A 35 -7.98 20.48 -8.84
C SER A 35 -7.10 19.39 -8.28
N GLY A 36 -5.83 19.43 -8.64
CA GLY A 36 -4.89 18.45 -8.17
C GLY A 36 -4.68 18.64 -6.68
N ALA A 37 -4.70 19.90 -6.25
CA ALA A 37 -4.49 20.22 -4.86
C ALA A 37 -5.49 19.49 -3.97
N LYS A 38 -6.78 19.59 -4.32
CA LYS A 38 -7.83 18.95 -3.54
C LYS A 38 -7.73 17.45 -3.62
N MET A 39 -7.52 16.95 -4.84
CA MET A 39 -7.41 15.51 -5.04
C MET A 39 -6.24 14.90 -4.28
N THR A 40 -5.11 15.62 -4.25
CA THR A 40 -3.92 15.13 -3.55
C THR A 40 -4.10 15.22 -2.02
N ASP A 41 -4.68 16.33 -1.55
CA ASP A 41 -4.92 16.48 -0.11
C ASP A 41 -5.85 15.38 0.40
N THR A 42 -6.89 15.09 -0.37
CA THR A 42 -7.85 14.05 0.00
C THR A 42 -7.16 12.71 0.07
N LEU A 43 -6.40 12.36 -0.96
CA LEU A 43 -5.67 11.10 -1.00
C LEU A 43 -4.74 10.97 0.21
N ILE A 44 -4.07 12.07 0.55
CA ILE A 44 -3.15 12.09 1.67
C ILE A 44 -3.92 11.84 2.95
N GLN A 45 -5.09 12.47 3.06
CA GLN A 45 -5.95 12.33 4.23
C GLN A 45 -6.39 10.90 4.42
N ALA A 46 -6.69 10.23 3.31
CA ALA A 46 -7.16 8.86 3.36
C ALA A 46 -6.05 7.84 3.62
N GLY A 47 -4.81 8.32 3.70
CA GLY A 47 -3.69 7.44 3.95
C GLY A 47 -3.21 6.70 2.71
N ALA A 48 -3.36 7.29 1.55
CA ALA A 48 -2.95 6.62 0.32
C ALA A 48 -1.51 6.86 -0.10
N ALA A 49 -0.76 7.60 0.71
CA ALA A 49 0.61 7.92 0.36
C ALA A 49 1.62 7.80 1.51
N LYS A 50 1.39 6.85 2.39
CA LYS A 50 2.26 6.64 3.55
C LYS A 50 3.78 6.58 3.30
N GLY A 51 4.19 5.92 2.22
CA GLY A 51 5.62 5.80 1.94
C GLY A 51 6.29 7.05 1.42
N MET A 52 5.50 8.06 1.08
CA MET A 52 6.04 9.30 0.53
C MET A 52 6.06 10.44 1.53
N THR A 53 6.85 11.46 1.24
CA THR A 53 6.96 12.63 2.11
C THR A 53 5.71 13.48 2.02
N VAL A 54 5.07 13.68 3.17
CA VAL A 54 3.84 14.46 3.25
C VAL A 54 4.08 15.69 4.11
N SER A 55 3.62 16.85 3.63
CA SER A 55 3.82 18.11 4.33
C SER A 55 2.64 19.04 4.13
N GLY A 56 2.85 20.31 4.47
CA GLY A 56 1.80 21.29 4.34
C GLY A 56 2.00 22.17 3.12
N ASP A 57 0.90 22.44 2.42
CA ASP A 57 0.93 23.39 1.30
C ASP A 57 1.45 24.74 1.75
N PRO A 58 0.64 25.47 2.51
CA PRO A 58 -0.81 25.37 2.40
C PRO A 58 -1.44 26.72 2.03
N ALA A 59 -2.70 26.68 1.59
CA ALA A 59 -3.33 27.85 0.99
C ALA A 59 -4.76 27.86 1.50
N SER A 60 -5.16 26.67 1.95
CA SER A 60 -6.50 26.44 2.48
C SER A 60 -6.46 25.13 3.25
N GLY A 61 -5.41 24.94 4.05
CA GLY A 61 -5.28 23.72 4.82
C GLY A 61 -5.27 22.46 3.97
N SER A 62 -4.38 22.41 2.98
CA SER A 62 -4.27 21.27 2.09
C SER A 62 -2.85 20.69 2.11
N ALA A 63 -2.76 19.41 2.40
CA ALA A 63 -1.47 18.73 2.47
C ALA A 63 -0.91 18.48 1.08
N THR A 64 0.42 18.52 0.97
CA THR A 64 1.14 18.29 -0.27
C THR A 64 1.98 17.01 -0.20
N LEU A 65 2.32 16.47 -1.37
CA LEU A 65 3.09 15.23 -1.47
C LEU A 65 4.43 15.55 -2.14
N TRP A 66 5.50 14.92 -1.71
CA TRP A 66 6.82 15.19 -2.29
C TRP A 66 7.62 13.93 -2.55
N ASN A 67 8.34 13.90 -3.66
CA ASN A 67 9.14 12.72 -3.97
C ASN A 67 10.45 12.70 -3.20
N SER A 68 11.22 11.63 -3.35
CA SER A 68 12.50 11.46 -2.65
C SER A 68 13.49 12.61 -2.83
N TRP A 69 13.33 13.38 -3.89
CA TRP A 69 14.26 14.47 -4.17
C TRP A 69 13.76 15.86 -3.82
N GLY A 70 12.60 15.94 -3.19
CA GLY A 70 12.08 17.25 -2.84
C GLY A 70 11.24 17.84 -3.95
N GLY A 71 10.95 17.03 -4.96
CA GLY A 71 10.13 17.52 -6.06
C GLY A 71 8.68 17.21 -5.72
N GLN A 72 7.76 18.09 -6.10
CA GLN A 72 6.35 17.86 -5.80
C GLN A 72 5.70 16.74 -6.61
N ILE A 73 4.81 16.03 -5.94
CA ILE A 73 4.03 14.95 -6.54
C ILE A 73 2.59 15.44 -6.46
N VAL A 74 1.90 15.45 -7.60
CA VAL A 74 0.52 15.89 -7.63
C VAL A 74 -0.40 14.93 -8.36
N VAL A 75 -1.48 14.53 -7.70
CA VAL A 75 -2.48 13.66 -8.31
C VAL A 75 -3.58 14.62 -8.76
N ALA A 76 -3.96 14.54 -10.03
CA ALA A 76 -4.98 15.44 -10.53
C ALA A 76 -5.94 14.78 -11.51
N PRO A 77 -7.18 15.25 -11.54
CA PRO A 77 -8.15 14.67 -12.46
C PRO A 77 -7.73 14.99 -13.88
N ASP A 78 -8.01 14.08 -14.79
CA ASP A 78 -7.67 14.26 -16.20
C ASP A 78 -8.92 14.91 -16.78
N THR A 79 -8.94 16.24 -16.90
CA THR A 79 -10.10 16.97 -17.40
C THR A 79 -11.39 16.28 -16.92
N ALA A 80 -11.90 16.73 -15.79
CA ALA A 80 -13.11 16.14 -15.18
C ALA A 80 -14.38 16.40 -15.98
N GLY A 81 -15.15 15.35 -16.24
CA GLY A 81 -16.38 15.46 -17.02
C GLY A 81 -16.27 14.72 -18.35
N GLY A 82 -17.38 14.63 -19.09
CA GLY A 82 -17.34 13.94 -20.37
C GLY A 82 -18.54 13.07 -20.73
N THR A 83 -19.54 13.01 -19.84
CA THR A 83 -20.76 12.21 -20.04
C THR A 83 -20.53 10.70 -19.89
N GLY A 84 -20.90 10.15 -18.74
CA GLY A 84 -20.73 8.72 -18.49
C GLY A 84 -19.65 8.43 -17.47
N PHE A 85 -19.15 7.19 -17.43
CA PHE A 85 -18.09 6.85 -16.46
C PHE A 85 -17.17 8.07 -16.28
N ASN A 86 -16.67 8.28 -15.07
CA ASN A 86 -15.83 9.44 -14.84
C ASN A 86 -14.35 9.21 -15.17
N ASN A 87 -13.87 9.96 -16.15
CA ASN A 87 -12.48 9.89 -16.63
C ASN A 87 -11.43 9.47 -15.60
N GLY A 88 -10.18 9.41 -16.06
CA GLY A 88 -9.11 9.01 -15.17
C GLY A 88 -8.41 10.13 -14.44
N PHE A 89 -7.16 9.87 -14.10
CA PHE A 89 -6.36 10.84 -13.38
C PHE A 89 -4.91 10.66 -13.78
N THR A 90 -4.08 11.58 -13.35
CA THR A 90 -2.65 11.53 -13.64
C THR A 90 -1.88 11.71 -12.33
N ILE A 91 -0.68 11.17 -12.30
CA ILE A 91 0.20 11.34 -11.15
C ILE A 91 1.42 11.98 -11.79
N THR A 92 1.73 13.21 -11.37
CA THR A 92 2.89 13.95 -11.90
C THR A 92 3.92 14.10 -10.80
N THR A 93 5.18 13.82 -11.14
CA THR A 93 6.27 13.94 -10.17
C THR A 93 7.35 14.80 -10.82
N ASN A 94 7.73 15.86 -10.10
CA ASN A 94 8.67 16.86 -10.56
C ASN A 94 10.11 16.76 -10.10
N LYS A 95 10.96 17.53 -10.76
CA LYS A 95 12.38 17.62 -10.46
C LYS A 95 13.04 16.27 -10.25
N VAL A 96 12.67 15.30 -11.09
CA VAL A 96 13.24 13.96 -11.00
C VAL A 96 14.63 13.92 -11.65
N PRO A 97 15.63 13.36 -10.93
CA PRO A 97 17.01 13.25 -11.44
C PRO A 97 17.10 12.31 -12.66
N GLN A 98 18.13 12.51 -13.47
CA GLN A 98 18.33 11.73 -14.70
C GLN A 98 18.17 10.22 -14.55
N SER A 99 19.01 9.62 -13.72
CA SER A 99 18.97 8.19 -13.50
C SER A 99 17.61 7.70 -13.05
N ALA A 100 17.04 8.35 -12.05
CA ALA A 100 15.75 7.99 -11.52
C ALA A 100 14.71 8.02 -12.64
N CYS A 101 14.73 9.08 -13.43
CA CYS A 101 13.80 9.25 -14.54
C CYS A 101 13.79 7.99 -15.42
N VAL A 102 14.97 7.55 -15.84
CA VAL A 102 15.09 6.36 -16.68
C VAL A 102 14.53 5.12 -16.01
N SER A 103 14.97 4.86 -14.78
CA SER A 103 14.53 3.71 -13.99
C SER A 103 13.02 3.68 -13.72
N ILE A 104 12.49 4.80 -13.27
CA ILE A 104 11.08 4.92 -12.95
C ILE A 104 10.19 4.82 -14.18
N SER A 105 10.53 5.56 -15.23
CA SER A 105 9.74 5.55 -16.45
C SER A 105 9.66 4.16 -17.07
N THR A 106 10.80 3.49 -17.24
CA THR A 106 10.83 2.15 -17.82
C THR A 106 10.15 1.15 -16.89
N GLY A 107 10.34 1.35 -15.59
CA GLY A 107 9.72 0.49 -14.61
C GLY A 107 8.21 0.61 -14.68
N MET A 108 7.72 1.85 -14.71
CA MET A 108 6.28 2.05 -14.78
C MET A 108 5.74 1.44 -16.06
N SER A 109 6.56 1.45 -17.11
CA SER A 109 6.16 0.86 -18.38
C SER A 109 6.03 -0.65 -18.23
N ARG A 110 6.95 -1.26 -17.51
CA ARG A 110 6.92 -2.70 -17.32
C ARG A 110 5.77 -3.12 -16.42
N SER A 111 5.52 -2.35 -15.35
CA SER A 111 4.41 -2.65 -14.44
C SER A 111 3.15 -2.87 -15.28
N GLY A 112 3.05 -2.13 -16.38
CA GLY A 112 1.91 -2.28 -17.28
C GLY A 112 0.59 -1.69 -16.79
N GLY A 113 0.62 -1.00 -15.64
CA GLY A 113 -0.61 -0.46 -15.09
C GLY A 113 -1.12 0.89 -15.57
N THR A 114 -0.26 1.68 -16.20
CA THR A 114 -0.70 2.99 -16.65
C THR A 114 -1.42 2.93 -18.00
N SER A 115 -1.99 4.07 -18.38
CA SER A 115 -2.67 4.21 -19.65
C SER A 115 -1.85 5.20 -20.46
N GLY A 116 -0.65 5.48 -19.98
CA GLY A 116 0.22 6.40 -20.68
C GLY A 116 1.30 6.89 -19.75
N ILE A 117 2.46 7.20 -20.32
CA ILE A 117 3.59 7.69 -19.55
C ILE A 117 4.25 8.86 -20.27
N LYS A 118 4.38 9.98 -19.56
CA LYS A 118 4.99 11.19 -20.11
C LYS A 118 6.33 11.54 -19.47
N ILE A 119 7.32 11.86 -20.31
CA ILE A 119 8.62 12.28 -19.82
C ILE A 119 8.78 13.66 -20.47
N ASN A 120 8.70 14.70 -19.65
CA ASN A 120 8.79 16.06 -20.15
C ASN A 120 7.75 16.21 -21.26
N GLY A 121 8.12 16.81 -22.39
CA GLY A 121 7.16 17.01 -23.48
C GLY A 121 6.97 15.81 -24.39
N ASN A 122 7.26 14.62 -23.89
CA ASN A 122 7.13 13.39 -24.66
C ASN A 122 6.02 12.54 -24.05
N ASN A 123 4.90 12.44 -24.76
CA ASN A 123 3.76 11.69 -24.25
C ASN A 123 3.63 10.30 -24.87
N HIS A 124 4.10 9.28 -24.17
CA HIS A 124 4.01 7.92 -24.67
C HIS A 124 2.63 7.33 -24.42
N THR A 125 1.67 7.68 -25.27
CA THR A 125 0.29 7.25 -25.07
C THR A 125 0.11 5.73 -25.10
N ASP A 126 1.08 5.02 -25.66
CA ASP A 126 1.00 3.56 -25.72
C ASP A 126 1.49 2.92 -24.41
N ALA A 127 1.94 3.75 -23.48
CA ALA A 127 2.45 3.29 -22.18
C ALA A 127 3.68 2.41 -22.30
N LYS A 128 4.37 2.54 -23.42
CA LYS A 128 5.59 1.78 -23.61
C LYS A 128 6.76 2.74 -23.63
N VAL A 129 7.67 2.56 -22.68
CA VAL A 129 8.87 3.37 -22.60
C VAL A 129 10.07 2.44 -22.38
N THR A 130 11.00 2.43 -23.33
CA THR A 130 12.19 1.58 -23.19
C THR A 130 13.31 2.40 -22.58
N ALA A 131 14.35 1.73 -22.09
CA ALA A 131 15.48 2.42 -21.49
C ALA A 131 16.15 3.30 -22.56
N GLU A 132 16.12 2.83 -23.81
CA GLU A 132 16.71 3.58 -24.92
C GLU A 132 16.00 4.92 -25.10
N ILE A 133 14.68 4.90 -25.00
CA ILE A 133 13.88 6.12 -25.14
C ILE A 133 14.07 7.02 -23.92
N ALA A 134 13.95 6.44 -22.73
CA ALA A 134 14.07 7.19 -21.47
C ALA A 134 15.42 7.86 -21.31
N SER A 135 16.50 7.16 -21.63
CA SER A 135 17.84 7.72 -21.51
C SER A 135 18.01 8.99 -22.37
N SER A 136 17.32 9.02 -23.51
CA SER A 136 17.40 10.17 -24.39
C SER A 136 16.48 11.30 -23.93
N GLU A 137 15.24 10.95 -23.60
CA GLU A 137 14.27 11.93 -23.18
C GLU A 137 14.50 12.52 -21.79
N CYS A 138 15.06 11.73 -20.89
CA CYS A 138 15.36 12.22 -19.56
C CYS A 138 16.54 13.18 -19.66
N THR A 139 16.34 14.43 -19.22
CA THR A 139 17.40 15.42 -19.29
C THR A 139 18.40 15.39 -18.13
N ALA A 140 19.57 15.97 -18.35
CA ALA A 140 20.63 15.99 -17.34
C ALA A 140 20.28 16.78 -16.09
N ASP A 141 20.87 16.39 -14.96
CA ASP A 141 20.65 17.11 -13.71
C ASP A 141 21.36 18.46 -13.77
N ASN A 142 20.93 19.38 -12.93
CA ASN A 142 21.59 20.67 -12.82
C ASN A 142 22.26 20.56 -11.48
N GLY A 143 23.51 20.14 -11.46
CA GLY A 143 24.18 19.98 -10.18
C GLY A 143 23.49 18.86 -9.45
N ARG A 144 22.93 19.15 -8.28
CA ARG A 144 22.25 18.13 -7.49
C ARG A 144 20.74 18.14 -7.73
N THR A 145 20.31 18.92 -8.70
CA THR A 145 18.89 19.05 -8.98
C THR A 145 18.37 18.40 -10.24
N GLY A 146 17.31 17.62 -10.08
CA GLY A 146 16.70 16.93 -11.21
C GLY A 146 15.92 17.92 -12.07
N THR A 147 15.85 17.63 -13.38
CA THR A 147 15.16 18.51 -14.32
C THR A 147 14.02 17.81 -15.07
N ASN A 148 13.65 16.60 -14.66
CA ASN A 148 12.58 15.90 -15.36
C ASN A 148 11.24 15.89 -14.65
N THR A 149 10.18 15.92 -15.45
CA THR A 149 8.81 15.86 -14.96
C THR A 149 8.25 14.58 -15.60
N LEU A 150 7.78 13.64 -14.77
CA LEU A 150 7.20 12.41 -15.28
C LEU A 150 5.71 12.47 -14.96
N VAL A 151 4.89 11.94 -15.87
CA VAL A 151 3.45 11.92 -15.65
C VAL A 151 2.94 10.53 -15.97
N PHE A 152 2.15 9.97 -15.05
CA PHE A 152 1.56 8.65 -15.22
C PHE A 152 0.06 8.84 -15.33
N ASN A 153 -0.48 8.37 -16.45
CA ASN A 153 -1.90 8.50 -16.76
C ASN A 153 -2.65 7.20 -16.43
N TYR A 154 -3.82 7.34 -15.82
CA TYR A 154 -4.64 6.20 -15.44
C TYR A 154 -6.06 6.32 -15.99
N ASN A 155 -6.67 5.16 -16.26
CA ASN A 155 -8.05 5.09 -16.74
C ASN A 155 -8.05 5.99 -17.94
N GLY A 156 -8.02 7.28 -17.66
CA GLY A 156 -7.95 8.30 -18.69
C GLY A 156 -7.22 9.43 -18.02
N ALA B 7 -14.77 -3.11 11.06
CA ALA B 7 -14.20 -4.27 11.80
C ALA B 7 -14.72 -5.60 11.23
N GLY B 8 -15.71 -5.50 10.34
CA GLY B 8 -16.23 -6.71 9.73
C GLY B 8 -15.56 -6.74 8.38
N THR B 9 -15.23 -5.56 7.92
CA THR B 9 -14.56 -5.47 6.65
C THR B 9 -13.13 -5.90 6.92
N GLU B 10 -12.63 -5.59 8.12
CA GLU B 10 -11.28 -5.97 8.49
C GLU B 10 -11.22 -7.49 8.58
N LEU B 11 -12.22 -8.08 9.23
CA LEU B 11 -12.29 -9.54 9.39
C LEU B 11 -12.27 -10.27 8.05
N THR B 12 -13.08 -9.81 7.11
CA THR B 12 -13.11 -10.46 5.81
C THR B 12 -11.74 -10.29 5.16
N ASN B 13 -11.16 -9.10 5.36
CA ASN B 13 -9.84 -8.81 4.80
C ASN B 13 -8.81 -9.79 5.33
N TYR B 14 -8.81 -9.97 6.65
CA TYR B 14 -7.88 -10.86 7.31
C TYR B 14 -8.01 -12.28 6.77
N GLN B 15 -9.25 -12.77 6.70
CA GLN B 15 -9.49 -14.15 6.28
C GLN B 15 -9.08 -14.36 4.82
N THR B 16 -9.40 -13.39 3.97
CA THR B 16 -9.03 -13.52 2.56
C THR B 16 -7.52 -13.47 2.43
N LEU B 17 -6.89 -12.55 3.15
CA LEU B 17 -5.43 -12.45 3.10
C LEU B 17 -4.79 -13.77 3.55
N ALA B 18 -5.43 -14.43 4.53
CA ALA B 18 -4.94 -15.70 5.04
C ALA B 18 -4.99 -16.79 3.98
N THR B 19 -6.16 -16.94 3.34
CA THR B 19 -6.31 -17.95 2.30
C THR B 19 -5.36 -17.69 1.14
N ASN B 20 -5.21 -16.43 0.73
CA ASN B 20 -4.32 -16.11 -0.38
C ASN B 20 -2.85 -16.41 -0.04
N THR B 21 -2.44 -16.16 1.21
CA THR B 21 -1.06 -16.41 1.60
C THR B 21 -0.78 -17.92 1.63
N ILE B 22 -1.74 -18.69 2.14
CA ILE B 22 -1.60 -20.14 2.19
C ILE B 22 -1.41 -20.61 0.76
N GLY B 23 -2.25 -20.09 -0.12
CA GLY B 23 -2.16 -20.47 -1.53
C GLY B 23 -0.83 -20.12 -2.15
N MET B 24 -0.31 -18.94 -1.82
CA MET B 24 0.98 -18.47 -2.34
C MET B 24 2.13 -19.30 -1.81
N MET B 25 2.12 -19.61 -0.52
CA MET B 25 3.18 -20.41 0.10
C MET B 25 3.20 -21.83 -0.46
N LYS B 26 2.02 -22.42 -0.63
CA LYS B 26 1.94 -23.77 -1.18
C LYS B 26 2.53 -23.79 -2.58
N GLY B 27 2.36 -22.69 -3.31
CA GLY B 27 2.87 -22.60 -4.66
C GLY B 27 4.37 -22.39 -4.80
N VAL B 28 5.05 -22.07 -3.71
CA VAL B 28 6.49 -21.86 -3.75
C VAL B 28 7.20 -23.22 -3.68
N ASP B 29 8.18 -23.43 -4.56
CA ASP B 29 8.91 -24.70 -4.59
C ASP B 29 10.40 -24.48 -4.86
N GLY B 30 11.20 -24.47 -3.79
CA GLY B 30 12.63 -24.26 -3.96
C GLY B 30 13.16 -23.00 -3.27
N TYR B 31 12.26 -22.08 -2.95
CA TYR B 31 12.62 -20.82 -2.26
C TYR B 31 11.87 -20.81 -0.94
N ALA B 32 12.02 -19.72 -0.20
CA ALA B 32 11.33 -19.53 1.08
C ALA B 32 11.49 -18.07 1.39
N PHE B 33 10.54 -17.51 2.12
CA PHE B 33 10.60 -16.11 2.50
C PHE B 33 11.36 -16.04 3.82
N THR B 34 12.19 -15.03 3.98
CA THR B 34 12.94 -14.88 5.22
C THR B 34 12.60 -13.57 5.90
N SER B 35 11.77 -12.76 5.23
CA SER B 35 11.38 -11.48 5.80
C SER B 35 9.89 -11.18 5.56
N GLY B 36 9.31 -10.43 6.48
CA GLY B 36 7.92 -10.06 6.33
C GLY B 36 7.78 -9.06 5.19
N ALA B 37 8.81 -8.21 5.04
CA ALA B 37 8.82 -7.20 4.00
C ALA B 37 8.64 -7.82 2.62
N LYS B 38 9.39 -8.89 2.36
CA LYS B 38 9.34 -9.59 1.08
C LYS B 38 8.07 -10.41 0.90
N MET B 39 7.66 -11.11 1.95
CA MET B 39 6.44 -11.91 1.88
C MET B 39 5.20 -11.05 1.60
N THR B 40 5.12 -9.91 2.27
CA THR B 40 3.99 -9.00 2.11
C THR B 40 4.03 -8.40 0.70
N ASP B 41 5.22 -7.99 0.27
CA ASP B 41 5.39 -7.42 -1.06
C ASP B 41 4.87 -8.42 -2.11
N THR B 42 5.32 -9.65 -2.02
CA THR B 42 4.92 -10.67 -2.97
C THR B 42 3.40 -10.89 -2.98
N LEU B 43 2.79 -10.90 -1.81
CA LEU B 43 1.34 -11.06 -1.70
C LEU B 43 0.66 -9.94 -2.46
N ILE B 44 1.11 -8.72 -2.19
CA ILE B 44 0.57 -7.53 -2.81
C ILE B 44 0.72 -7.61 -4.33
N GLN B 45 1.91 -7.98 -4.80
CA GLN B 45 2.11 -8.09 -6.24
C GLN B 45 1.16 -9.11 -6.86
N ALA B 46 0.85 -10.15 -6.10
CA ALA B 46 -0.04 -11.21 -6.58
C ALA B 46 -1.52 -10.84 -6.56
N GLY B 47 -1.84 -9.60 -6.22
CA GLY B 47 -3.22 -9.15 -6.19
C GLY B 47 -3.97 -9.51 -4.92
N ALA B 48 -3.26 -9.96 -3.90
CA ALA B 48 -3.89 -10.36 -2.65
C ALA B 48 -4.37 -9.24 -1.74
N ALA B 49 -3.98 -8.01 -2.02
CA ALA B 49 -4.36 -6.91 -1.13
C ALA B 49 -5.27 -5.83 -1.73
N LYS B 50 -5.79 -6.08 -2.92
CA LYS B 50 -6.68 -5.14 -3.58
C LYS B 50 -7.82 -4.75 -2.66
N GLY B 51 -8.04 -3.44 -2.51
CA GLY B 51 -9.10 -2.94 -1.66
C GLY B 51 -8.58 -2.54 -0.30
N MET B 52 -7.32 -2.86 -0.03
CA MET B 52 -6.70 -2.52 1.22
C MET B 52 -5.65 -1.48 0.90
N THR B 53 -5.42 -0.58 1.84
CA THR B 53 -4.44 0.48 1.64
C THR B 53 -3.04 -0.07 1.62
N VAL B 54 -2.34 0.23 0.53
CA VAL B 54 -0.97 -0.19 0.32
C VAL B 54 -0.10 1.06 0.08
N SER B 55 1.21 0.88 0.20
CA SER B 55 2.18 1.94 -0.07
C SER B 55 3.53 1.26 -0.26
N GLY B 56 4.59 2.06 -0.31
CA GLY B 56 5.91 1.48 -0.51
C GLY B 56 6.84 1.72 0.66
N ASP B 57 7.70 0.75 0.94
CA ASP B 57 8.65 0.84 2.04
C ASP B 57 10.01 1.38 1.60
N PRO B 58 10.43 2.54 2.16
CA PRO B 58 11.69 3.21 1.85
C PRO B 58 12.96 2.38 2.09
N ALA B 59 12.91 1.46 3.05
CA ALA B 59 14.07 0.65 3.37
C ALA B 59 14.36 -0.48 2.37
N SER B 60 13.34 -0.95 1.67
CA SER B 60 13.54 -2.06 0.73
C SER B 60 12.93 -1.88 -0.65
N GLY B 61 12.02 -0.93 -0.79
CA GLY B 61 11.36 -0.74 -2.08
C GLY B 61 10.19 -1.72 -2.18
N SER B 62 9.97 -2.46 -1.10
CA SER B 62 8.87 -3.42 -1.07
C SER B 62 7.56 -2.71 -0.75
N ALA B 63 6.44 -3.28 -1.21
CA ALA B 63 5.13 -2.70 -0.96
C ALA B 63 4.69 -3.10 0.45
N THR B 64 4.07 -2.16 1.16
CA THR B 64 3.58 -2.34 2.52
C THR B 64 2.04 -2.38 2.55
N LEU B 65 1.50 -2.95 3.62
CA LEU B 65 0.05 -3.10 3.80
C LEU B 65 -0.40 -2.41 5.10
N TRP B 66 -1.58 -1.80 5.07
CA TRP B 66 -2.12 -1.13 6.25
C TRP B 66 -3.54 -1.61 6.54
N ASN B 67 -3.95 -1.53 7.80
CA ASN B 67 -5.34 -1.79 8.16
C ASN B 67 -6.13 -0.50 8.08
N SER B 68 -7.44 -0.57 8.27
CA SER B 68 -8.25 0.63 8.14
C SER B 68 -8.04 1.74 9.16
N TRP B 69 -7.26 1.49 10.21
CA TRP B 69 -7.01 2.53 11.20
C TRP B 69 -5.64 3.16 11.05
N GLY B 70 -4.93 2.74 10.02
CA GLY B 70 -3.60 3.27 9.78
C GLY B 70 -2.50 2.43 10.39
N GLY B 71 -2.87 1.33 11.04
CA GLY B 71 -1.87 0.45 11.63
C GLY B 71 -1.30 -0.42 10.53
N GLN B 72 -0.04 -0.83 10.66
CA GLN B 72 0.55 -1.65 9.60
C GLN B 72 0.14 -3.11 9.76
N ILE B 73 0.04 -3.80 8.63
CA ILE B 73 -0.29 -5.22 8.66
C ILE B 73 0.96 -5.86 8.03
N VAL B 74 1.49 -6.90 8.67
CA VAL B 74 2.67 -7.54 8.15
C VAL B 74 2.52 -9.06 8.12
N VAL B 75 2.70 -9.62 6.94
CA VAL B 75 2.61 -11.05 6.74
C VAL B 75 4.05 -11.55 6.70
N ALA B 76 4.42 -12.38 7.67
CA ALA B 76 5.78 -12.90 7.76
C ALA B 76 5.85 -14.42 7.95
N PRO B 77 6.93 -15.04 7.45
CA PRO B 77 7.10 -16.49 7.59
C PRO B 77 7.50 -16.85 9.02
N ASP B 78 7.37 -18.12 9.39
CA ASP B 78 7.77 -18.58 10.72
C ASP B 78 9.30 -18.68 10.81
N THR B 79 9.84 -18.80 12.03
CA THR B 79 11.29 -18.84 12.24
C THR B 79 11.76 -19.97 13.18
N ALA B 80 12.95 -19.82 13.76
CA ALA B 80 13.50 -20.82 14.70
C ALA B 80 14.34 -20.18 15.80
N GLY B 81 13.77 -20.09 17.00
CA GLY B 81 14.44 -19.46 18.13
C GLY B 81 15.39 -20.28 19.00
N GLY B 82 15.38 -21.60 18.87
CA GLY B 82 16.25 -22.46 19.65
C GLY B 82 15.51 -23.29 20.68
N THR B 83 14.17 -23.26 20.62
CA THR B 83 13.34 -24.01 21.55
C THR B 83 12.03 -24.46 20.90
N GLY B 84 11.81 -24.02 19.66
CA GLY B 84 10.60 -24.36 18.94
C GLY B 84 10.64 -23.99 17.46
N PHE B 85 9.90 -24.74 16.65
CA PHE B 85 9.86 -24.54 15.21
C PHE B 85 8.48 -24.29 14.60
N ASN B 86 7.62 -23.54 15.30
CA ASN B 86 6.28 -23.25 14.77
C ASN B 86 6.48 -22.79 13.33
N ASN B 87 6.30 -23.68 12.35
CA ASN B 87 6.50 -23.32 10.94
C ASN B 87 5.22 -22.82 10.27
N GLY B 88 5.36 -22.11 9.14
CA GLY B 88 4.21 -21.55 8.44
C GLY B 88 4.35 -20.03 8.33
N PHE B 89 3.34 -19.25 8.71
CA PHE B 89 3.42 -17.77 8.67
C PHE B 89 2.47 -17.11 9.68
N THR B 90 2.62 -15.80 9.85
CA THR B 90 1.76 -15.06 10.77
C THR B 90 1.30 -13.77 10.13
N ILE B 91 0.11 -13.30 10.51
CA ILE B 91 -0.40 -12.04 10.00
C ILE B 91 -0.52 -11.15 11.23
N THR B 92 0.23 -10.06 11.24
CA THR B 92 0.24 -9.12 12.35
C THR B 92 -0.40 -7.78 11.95
N THR B 93 -1.38 -7.34 12.74
CA THR B 93 -2.06 -6.08 12.46
C THR B 93 -1.94 -5.22 13.73
N ASN B 94 -1.51 -3.97 13.56
CA ASN B 94 -1.26 -3.07 14.68
C ASN B 94 -2.21 -1.89 14.88
N LYS B 95 -2.15 -1.30 16.08
CA LYS B 95 -2.98 -0.15 16.41
C LYS B 95 -4.46 -0.43 16.25
N VAL B 96 -4.87 -1.65 16.56
CA VAL B 96 -6.26 -2.06 16.45
C VAL B 96 -7.08 -1.52 17.64
N PRO B 97 -8.15 -0.77 17.34
CA PRO B 97 -9.04 -0.19 18.36
C PRO B 97 -9.62 -1.30 19.25
N GLN B 98 -9.93 -0.96 20.50
CA GLN B 98 -10.46 -1.93 21.46
C GLN B 98 -11.66 -2.68 20.92
N SER B 99 -12.65 -1.94 20.45
CA SER B 99 -13.88 -2.50 19.90
C SER B 99 -13.60 -3.55 18.82
N ALA B 100 -12.86 -3.15 17.80
CA ALA B 100 -12.53 -4.06 16.71
C ALA B 100 -11.69 -5.25 17.19
N CYS B 101 -10.78 -5.01 18.12
CA CYS B 101 -9.91 -6.05 18.68
C CYS B 101 -10.75 -7.23 19.16
N VAL B 102 -11.82 -6.95 19.88
CA VAL B 102 -12.70 -8.00 20.38
C VAL B 102 -13.44 -8.75 19.29
N SER B 103 -14.07 -8.04 18.37
CA SER B 103 -14.82 -8.73 17.33
C SER B 103 -13.94 -9.39 16.30
N ILE B 104 -12.82 -8.78 15.95
CA ILE B 104 -11.93 -9.39 14.97
C ILE B 104 -11.31 -10.67 15.58
N SER B 105 -10.79 -10.56 16.80
CA SER B 105 -10.18 -11.73 17.43
C SER B 105 -11.19 -12.84 17.59
N THR B 106 -12.38 -12.49 18.05
CA THR B 106 -13.45 -13.48 18.25
C THR B 106 -13.84 -14.09 16.92
N GLY B 107 -14.02 -13.22 15.93
CA GLY B 107 -14.39 -13.68 14.60
C GLY B 107 -13.35 -14.58 13.97
N MET B 108 -12.06 -14.32 14.21
CA MET B 108 -11.03 -15.19 13.64
C MET B 108 -11.04 -16.54 14.36
N SER B 109 -11.42 -16.52 15.64
CA SER B 109 -11.47 -17.74 16.42
C SER B 109 -12.60 -18.59 15.86
N ARG B 110 -13.71 -17.93 15.56
CA ARG B 110 -14.89 -18.58 15.02
C ARG B 110 -14.64 -19.18 13.65
N SER B 111 -14.22 -18.35 12.69
CA SER B 111 -14.00 -18.84 11.34
C SER B 111 -12.76 -18.31 10.66
N GLY B 112 -11.59 -18.51 11.23
CA GLY B 112 -10.38 -18.02 10.59
C GLY B 112 -9.44 -19.12 10.12
N GLY B 113 -9.69 -20.35 10.57
CA GLY B 113 -8.81 -21.44 10.19
C GLY B 113 -7.39 -21.27 10.69
N THR B 114 -7.22 -20.51 11.78
CA THR B 114 -5.87 -20.28 12.32
C THR B 114 -5.33 -21.39 13.17
N SER B 115 -4.06 -21.29 13.51
CA SER B 115 -3.39 -22.27 14.35
C SER B 115 -2.98 -21.56 15.62
N GLY B 116 -3.64 -20.44 15.87
CA GLY B 116 -3.38 -19.63 17.03
C GLY B 116 -3.73 -18.17 16.77
N ILE B 117 -4.18 -17.48 17.81
CA ILE B 117 -4.53 -16.07 17.74
C ILE B 117 -3.88 -15.40 18.94
N LYS B 118 -3.10 -14.37 18.70
CA LYS B 118 -2.44 -13.66 19.78
C LYS B 118 -3.00 -12.22 19.90
N ILE B 119 -3.30 -11.82 21.12
CA ILE B 119 -3.82 -10.47 21.40
C ILE B 119 -2.78 -9.90 22.37
N ASN B 120 -2.01 -8.93 21.91
CA ASN B 120 -0.97 -8.37 22.74
C ASN B 120 -0.13 -9.52 23.31
N GLY B 121 0.15 -9.53 24.61
CA GLY B 121 0.96 -10.60 25.18
C GLY B 121 0.23 -11.88 25.57
N ASN B 122 -0.87 -12.20 24.89
CA ASN B 122 -1.65 -13.40 25.17
C ASN B 122 -1.73 -14.29 23.91
N ASN B 123 -1.04 -15.43 23.93
CA ASN B 123 -1.04 -16.33 22.78
C ASN B 123 -2.00 -17.50 22.92
N HIS B 124 -3.16 -17.40 22.27
CA HIS B 124 -4.17 -18.46 22.30
C HIS B 124 -3.79 -19.51 21.26
N THR B 125 -2.90 -20.40 21.67
CA THR B 125 -2.41 -21.45 20.82
C THR B 125 -3.48 -22.47 20.40
N ASP B 126 -4.61 -22.50 21.09
CA ASP B 126 -5.69 -23.43 20.76
C ASP B 126 -6.63 -22.81 19.73
N ALA B 127 -6.23 -21.63 19.24
CA ALA B 127 -7.01 -20.91 18.25
C ALA B 127 -8.45 -20.66 18.68
N LYS B 128 -8.69 -20.64 19.99
CA LYS B 128 -10.04 -20.36 20.51
C LYS B 128 -10.00 -19.09 21.37
N VAL B 129 -10.74 -18.06 20.94
CA VAL B 129 -10.80 -16.80 21.66
C VAL B 129 -12.25 -16.37 21.81
N THR B 130 -12.69 -16.21 23.05
CA THR B 130 -14.08 -15.79 23.31
C THR B 130 -14.13 -14.27 23.50
N ALA B 131 -15.31 -13.71 23.33
CA ALA B 131 -15.48 -12.27 23.50
C ALA B 131 -15.11 -11.85 24.92
N GLU B 132 -15.39 -12.71 25.91
CA GLU B 132 -15.06 -12.36 27.30
C GLU B 132 -13.55 -12.22 27.48
N ILE B 133 -12.80 -13.14 26.88
CA ILE B 133 -11.35 -13.13 26.95
C ILE B 133 -10.81 -11.91 26.22
N ALA B 134 -11.28 -11.70 25.00
CA ALA B 134 -10.84 -10.58 24.18
C ALA B 134 -11.14 -9.25 24.88
N SER B 135 -12.29 -9.18 25.51
CA SER B 135 -12.67 -7.96 26.19
C SER B 135 -11.67 -7.58 27.29
N SER B 136 -11.06 -8.58 27.92
CA SER B 136 -10.08 -8.30 28.97
C SER B 136 -8.69 -8.04 28.42
N GLU B 137 -8.27 -8.87 27.46
CA GLU B 137 -6.95 -8.73 26.87
C GLU B 137 -6.79 -7.51 25.97
N CYS B 138 -7.84 -7.15 25.26
CA CYS B 138 -7.80 -5.99 24.39
C CYS B 138 -7.78 -4.74 25.26
N THR B 139 -6.70 -3.98 25.15
CA THR B 139 -6.54 -2.77 25.94
C THR B 139 -7.32 -1.61 25.30
N ALA B 140 -7.78 -0.69 26.14
CA ALA B 140 -8.56 0.47 25.70
C ALA B 140 -7.78 1.43 24.79
N ASP B 141 -8.52 2.22 24.01
CA ASP B 141 -7.91 3.17 23.09
C ASP B 141 -7.32 4.37 23.81
N ASN B 142 -6.40 5.06 23.15
CA ASN B 142 -5.94 6.36 23.60
C ASN B 142 -6.45 7.50 22.71
N GLY B 143 -7.45 8.23 23.19
CA GLY B 143 -8.34 8.98 22.34
C GLY B 143 -8.90 8.13 21.20
N ARG B 144 -8.50 8.46 19.98
CA ARG B 144 -8.97 7.74 18.80
C ARG B 144 -7.96 6.67 18.38
N THR B 145 -6.87 6.52 19.14
CA THR B 145 -5.84 5.54 18.77
C THR B 145 -5.95 4.17 19.46
N GLY B 146 -6.00 3.12 18.64
CA GLY B 146 -6.07 1.77 19.17
C GLY B 146 -4.69 1.40 19.70
N THR B 147 -4.66 0.53 20.70
CA THR B 147 -3.41 0.12 21.32
C THR B 147 -3.22 -1.39 21.29
N ASN B 148 -3.92 -2.07 20.40
CA ASN B 148 -3.81 -3.52 20.35
C ASN B 148 -3.04 -4.05 19.15
N THR B 149 -2.32 -5.14 19.38
CA THR B 149 -1.56 -5.82 18.35
C THR B 149 -2.13 -7.24 18.33
N LEU B 150 -2.65 -7.63 17.17
CA LEU B 150 -3.23 -8.94 16.96
C LEU B 150 -2.34 -9.69 16.00
N VAL B 151 -2.12 -10.97 16.28
CA VAL B 151 -1.30 -11.82 15.42
C VAL B 151 -2.05 -13.10 15.15
N PHE B 152 -2.21 -13.45 13.89
CA PHE B 152 -2.91 -14.68 13.56
C PHE B 152 -1.86 -15.64 13.04
N ASN B 153 -1.79 -16.83 13.65
CA ASN B 153 -0.81 -17.83 13.28
C ASN B 153 -1.40 -18.88 12.32
N TYR B 154 -0.61 -19.25 11.32
CA TYR B 154 -1.06 -20.23 10.35
C TYR B 154 -0.04 -21.35 10.23
N ASN B 155 -0.53 -22.57 10.51
CA ASN B 155 0.24 -23.82 10.55
C ASN B 155 0.59 -24.11 12.01
N GLY B 156 0.09 -25.22 12.53
CA GLY B 156 0.38 -25.58 13.90
C GLY B 156 -0.54 -26.60 14.51
#